data_4KQC
#
_entry.id   4KQC
#
_cell.length_a   38.356
_cell.length_b   59.241
_cell.length_c   65.454
_cell.angle_alpha   90.000
_cell.angle_beta   102.900
_cell.angle_gamma   90.000
#
_symmetry.space_group_name_H-M   'P 1 21 1'
#
loop_
_entity.id
_entity.type
_entity.pdbx_description
1 polymer 'Periplasmic binding protein/LacI transcriptional regulator'
2 non-polymer 'NITRATE ION'
3 water water
#
_entity_poly.entity_id   1
_entity_poly.type   'polypeptide(L)'
_entity_poly.pdbx_seq_one_letter_code
;SNADPYIAVVSKGFQHKFWVTVRDGAEAAAKQNGVKISFVGPETESDSKIQQDLLDSEINKNPDAIAFAAVTGDFTEQIK
RIKEKNIPLIGFDSGILPDQAQGAVLATASTDNRAAAAIVADK(MSE)FEALKTRIAAFTSDNKAKIAVLQLDNSDTGIG
RAEGFVKRFTELADGDAATAGKYALQVIVPTTQNEADIANEVNALRGKSVLGIYLSNEA(MSE)ARGFLVVYKSAEAGAA
NTIVGDAQDGGDLVV(MSE)GFDSGKPQLDAIRNGIIQGSVTQDPYSIGFQAVTLAYKASKGESVSNIDTGAKWYDKTNI
DDPEIAKLLYE
;
_entity_poly.pdbx_strand_id   A
#
# COMPACT_ATOMS: atom_id res chain seq x y z
N SER A 1 -5.00 32.34 -1.68
CA SER A 1 -4.39 33.66 -1.30
C SER A 1 -4.69 34.00 0.12
N ASN A 2 -4.07 35.03 0.68
CA ASN A 2 -4.40 35.47 2.04
C ASN A 2 -5.88 35.81 2.19
N ALA A 3 -6.44 36.52 1.22
CA ALA A 3 -7.81 36.96 1.32
C ALA A 3 -8.78 35.81 1.03
N ASP A 4 -8.33 34.82 0.27
CA ASP A 4 -9.16 33.67 -0.13
CA ASP A 4 -9.16 33.67 -0.11
C ASP A 4 -8.31 32.40 -0.11
N PRO A 5 -8.14 31.83 1.05
CA PRO A 5 -7.24 30.72 1.25
C PRO A 5 -7.57 29.54 0.35
N TYR A 6 -6.53 29.02 -0.28
CA TYR A 6 -6.71 27.98 -1.29
C TYR A 6 -5.51 27.07 -1.35
N ILE A 7 -5.79 25.77 -1.25
CA ILE A 7 -4.73 24.74 -1.32
C ILE A 7 -5.08 23.69 -2.35
N ALA A 8 -4.13 23.38 -3.21
CA ALA A 8 -4.29 22.39 -4.26
C ALA A 8 -3.94 21.02 -3.75
N VAL A 9 -4.84 20.08 -3.95
CA VAL A 9 -4.59 18.69 -3.64
C VAL A 9 -4.66 17.85 -4.91
N VAL A 10 -3.50 17.31 -5.34
CA VAL A 10 -3.42 16.50 -6.55
C VAL A 10 -3.28 15.05 -6.13
N SER A 11 -4.32 14.27 -6.37
CA SER A 11 -4.49 12.95 -5.84
C SER A 11 -4.20 11.91 -6.93
N LYS A 12 -4.33 10.65 -6.63
CA LYS A 12 -4.22 9.60 -7.70
C LYS A 12 -5.52 9.32 -8.45
N GLY A 13 -6.55 10.13 -8.22
CA GLY A 13 -7.85 9.88 -8.80
C GLY A 13 -8.63 8.77 -8.16
N PHE A 14 -9.78 8.44 -8.74
CA PHE A 14 -10.75 7.56 -8.13
C PHE A 14 -10.82 6.18 -8.75
N GLN A 15 -9.81 5.75 -9.51
CA GLN A 15 -9.74 4.35 -9.90
C GLN A 15 -10.08 3.42 -8.74
N HIS A 16 -9.49 3.70 -7.58
CA HIS A 16 -9.67 2.89 -6.37
C HIS A 16 -10.45 3.74 -5.37
N LYS A 17 -11.52 3.19 -4.81
CA LYS A 17 -12.42 3.97 -3.92
C LYS A 17 -11.82 4.39 -2.57
N PHE A 18 -10.68 3.79 -2.22
CA PHE A 18 -9.82 4.35 -1.16
C PHE A 18 -9.81 5.87 -1.25
N TRP A 19 -9.68 6.40 -2.47
CA TRP A 19 -9.49 7.82 -2.68
C TRP A 19 -10.74 8.67 -2.41
N VAL A 20 -11.93 8.06 -2.41
CA VAL A 20 -13.13 8.75 -1.98
C VAL A 20 -13.02 9.07 -0.47
N THR A 21 -12.50 8.09 0.26
CA THR A 21 -12.31 8.31 1.68
C THR A 21 -11.19 9.33 2.02
N VAL A 22 -10.11 9.32 1.24
CA VAL A 22 -9.08 10.29 1.38
C VAL A 22 -9.68 11.66 1.15
N ARG A 23 -10.47 11.81 0.09
CA ARG A 23 -11.12 13.10 -0.18
C ARG A 23 -11.94 13.56 0.98
N ASP A 24 -12.70 12.63 1.59
CA ASP A 24 -13.52 13.01 2.75
C ASP A 24 -12.64 13.61 3.87
N GLY A 25 -11.49 12.99 4.12
CA GLY A 25 -10.57 13.44 5.15
C GLY A 25 -10.01 14.82 4.83
N ALA A 26 -9.61 14.97 3.57
CA ALA A 26 -9.11 16.24 3.08
C ALA A 26 -10.12 17.38 3.19
N GLU A 27 -11.34 17.14 2.74
CA GLU A 27 -12.40 18.16 2.82
C GLU A 27 -12.71 18.51 4.27
N ALA A 28 -12.66 17.53 5.16
CA ALA A 28 -12.86 17.81 6.56
C ALA A 28 -11.83 18.76 7.15
N ALA A 29 -10.56 18.46 6.91
CA ALA A 29 -9.47 19.31 7.37
C ALA A 29 -9.59 20.64 6.70
N ALA A 30 -10.00 20.69 5.43
CA ALA A 30 -10.08 21.98 4.75
C ALA A 30 -11.13 22.87 5.45
N LYS A 31 -12.28 22.30 5.71
CA LYS A 31 -13.36 23.07 6.37
CA LYS A 31 -13.36 23.07 6.37
C LYS A 31 -12.91 23.50 7.78
N GLN A 32 -12.28 22.59 8.54
CA GLN A 32 -11.81 22.93 9.88
C GLN A 32 -10.87 24.13 9.92
N ASN A 33 -10.03 24.25 8.90
CA ASN A 33 -9.01 25.31 8.84
C ASN A 33 -9.37 26.53 7.98
N GLY A 34 -10.56 26.53 7.43
CA GLY A 34 -11.07 27.69 6.70
C GLY A 34 -10.42 27.87 5.35
N VAL A 35 -10.13 26.77 4.71
CA VAL A 35 -9.44 26.83 3.43
C VAL A 35 -10.24 26.05 2.39
N LYS A 36 -10.30 26.57 1.16
CA LYS A 36 -10.83 25.87 0.04
C LYS A 36 -9.75 25.00 -0.57
N ILE A 37 -10.11 23.78 -0.96
CA ILE A 37 -9.21 22.92 -1.68
C ILE A 37 -9.76 22.50 -3.04
N SER A 38 -8.85 22.23 -3.96
CA SER A 38 -9.11 21.44 -5.13
C SER A 38 -8.75 19.99 -4.80
N PHE A 39 -9.42 19.02 -5.37
CA PHE A 39 -9.01 17.63 -5.13
C PHE A 39 -9.07 16.94 -6.48
N VAL A 40 -7.94 16.88 -7.17
CA VAL A 40 -7.93 16.59 -8.58
C VAL A 40 -7.00 15.43 -8.88
N GLY A 41 -7.45 14.53 -9.76
CA GLY A 41 -6.58 13.40 -10.11
C GLY A 41 -6.98 12.78 -11.44
N PRO A 42 -6.12 11.89 -11.95
CA PRO A 42 -6.34 11.23 -13.25
C PRO A 42 -7.44 10.23 -13.22
N GLU A 43 -8.01 9.90 -14.36
CA GLU A 43 -9.13 8.94 -14.41
CA GLU A 43 -9.11 8.95 -14.43
C GLU A 43 -8.71 7.56 -13.94
N THR A 44 -7.54 7.12 -14.39
CA THR A 44 -6.87 5.94 -13.88
C THR A 44 -5.47 6.27 -13.49
N GLU A 45 -4.87 5.43 -12.66
CA GLU A 45 -3.50 5.68 -12.20
C GLU A 45 -2.46 5.56 -13.32
N SER A 46 -2.78 4.96 -14.45
CA SER A 46 -1.84 4.93 -15.57
CA SER A 46 -1.87 4.90 -15.59
C SER A 46 -1.77 6.23 -16.35
N ASP A 47 -2.65 7.19 -16.03
CA ASP A 47 -2.76 8.45 -16.85
C ASP A 47 -1.80 9.47 -16.27
N SER A 48 -0.50 9.17 -16.37
CA SER A 48 0.54 10.02 -15.83
C SER A 48 0.56 11.41 -16.51
N LYS A 49 0.35 11.46 -17.83
CA LYS A 49 0.39 12.73 -18.54
CA LYS A 49 0.39 12.73 -18.54
C LYS A 49 -0.72 13.66 -18.03
N ILE A 50 -1.92 13.13 -17.80
CA ILE A 50 -2.96 14.00 -17.24
CA ILE A 50 -2.99 13.98 -17.22
C ILE A 50 -2.62 14.44 -15.81
N GLN A 51 -1.99 13.59 -15.01
CA GLN A 51 -1.62 14.04 -13.68
C GLN A 51 -0.57 15.11 -13.74
N GLN A 52 0.39 14.99 -14.65
CA GLN A 52 1.35 16.07 -14.88
C GLN A 52 0.64 17.36 -15.22
N ASP A 53 -0.31 17.27 -16.17
CA ASP A 53 -1.07 18.45 -16.61
C ASP A 53 -1.88 19.09 -15.52
N LEU A 54 -2.54 18.25 -14.71
CA LEU A 54 -3.34 18.76 -13.60
C LEU A 54 -2.45 19.47 -12.57
N LEU A 55 -1.30 18.85 -12.24
CA LEU A 55 -0.35 19.49 -11.33
C LEU A 55 0.13 20.87 -11.90
N ASP A 56 0.47 20.92 -13.19
CA ASP A 56 0.80 22.19 -13.77
C ASP A 56 -0.28 23.23 -13.69
N SER A 57 -1.51 22.83 -14.02
CA SER A 57 -2.65 23.71 -13.93
CA SER A 57 -2.65 23.72 -13.90
C SER A 57 -2.85 24.28 -12.51
N GLU A 58 -2.65 23.45 -11.48
CA GLU A 58 -2.77 23.89 -10.12
C GLU A 58 -1.60 24.83 -9.72
N ILE A 59 -0.41 24.54 -10.18
CA ILE A 59 0.73 25.40 -9.88
C ILE A 59 0.43 26.81 -10.44
N ASN A 60 -0.08 26.87 -11.65
CA ASN A 60 -0.39 28.12 -12.27
C ASN A 60 -1.37 29.02 -11.54
N LYS A 61 -2.21 28.42 -10.67
CA LYS A 61 -3.14 29.16 -9.80
C LYS A 61 -2.53 29.92 -8.64
N ASN A 62 -1.22 29.75 -8.45
CA ASN A 62 -0.52 30.28 -7.31
C ASN A 62 -1.22 29.94 -5.98
N PRO A 63 -1.43 28.67 -5.69
CA PRO A 63 -2.06 28.26 -4.44
C PRO A 63 -1.17 28.54 -3.25
N ASP A 64 -1.77 28.56 -2.08
CA ASP A 64 -1.06 28.75 -0.86
C ASP A 64 -0.12 27.58 -0.43
N ALA A 65 -0.44 26.39 -0.91
CA ALA A 65 0.32 25.22 -0.76
C ALA A 65 -0.22 24.15 -1.66
N ILE A 66 0.57 23.08 -1.87
CA ILE A 66 0.17 21.93 -2.69
C ILE A 66 0.42 20.69 -1.89
N ALA A 67 -0.55 19.79 -1.89
CA ALA A 67 -0.36 18.40 -1.43
C ALA A 67 -0.44 17.51 -2.62
N PHE A 68 0.46 16.55 -2.73
CA PHE A 68 0.65 15.75 -3.93
C PHE A 68 0.92 14.27 -3.66
N ALA A 69 0.18 13.40 -4.35
CA ALA A 69 0.44 11.94 -4.35
C ALA A 69 0.66 11.55 -5.78
N ALA A 70 1.89 11.25 -6.14
CA ALA A 70 2.28 11.04 -7.57
C ALA A 70 1.88 9.61 -8.00
N VAL A 71 1.26 9.48 -9.16
CA VAL A 71 1.15 8.19 -9.82
C VAL A 71 2.56 7.88 -10.39
N THR A 72 2.74 6.74 -11.03
CA THR A 72 4.00 6.43 -11.70
C THR A 72 4.30 7.44 -12.80
N GLY A 73 5.51 8.01 -12.79
CA GLY A 73 5.86 8.98 -13.83
C GLY A 73 6.87 9.96 -13.31
N ASP A 74 7.25 10.88 -14.17
CA ASP A 74 8.30 11.83 -13.87
C ASP A 74 7.71 13.22 -13.69
N PHE A 75 7.71 13.69 -12.45
CA PHE A 75 7.20 15.00 -12.12
C PHE A 75 8.28 16.04 -11.73
N THR A 76 9.50 15.81 -12.12
CA THR A 76 10.59 16.65 -11.74
C THR A 76 10.48 18.08 -12.27
N GLU A 77 9.96 18.28 -13.47
CA GLU A 77 9.77 19.62 -14.00
C GLU A 77 8.79 20.39 -13.15
N GLN A 78 7.70 19.75 -12.78
CA GLN A 78 6.64 20.38 -11.97
C GLN A 78 7.19 20.72 -10.56
N ILE A 79 7.93 19.78 -9.99
CA ILE A 79 8.47 19.98 -8.65
C ILE A 79 9.55 21.08 -8.68
N LYS A 80 10.33 21.11 -9.73
CA LYS A 80 11.31 22.19 -9.91
C LYS A 80 10.65 23.54 -9.95
N ARG A 81 9.54 23.65 -10.68
CA ARG A 81 8.80 24.92 -10.74
C ARG A 81 8.19 25.31 -9.38
N ILE A 82 7.61 24.35 -8.71
CA ILE A 82 7.07 24.56 -7.33
C ILE A 82 8.15 25.15 -6.45
N LYS A 83 9.34 24.55 -6.53
CA LYS A 83 10.48 24.98 -5.69
C LYS A 83 10.84 26.42 -6.02
N GLU A 84 10.94 26.75 -7.32
CA GLU A 84 11.24 28.11 -7.71
C GLU A 84 10.22 29.13 -7.27
N LYS A 85 8.94 28.77 -7.34
CA LYS A 85 7.83 29.64 -6.95
C LYS A 85 7.68 29.72 -5.42
N ASN A 86 8.45 28.95 -4.69
CA ASN A 86 8.35 28.90 -3.22
CA ASN A 86 8.36 28.90 -3.22
C ASN A 86 6.95 28.59 -2.71
N ILE A 87 6.26 27.71 -3.41
CA ILE A 87 4.96 27.14 -2.93
C ILE A 87 5.26 25.97 -1.97
N PRO A 88 4.76 26.00 -0.75
CA PRO A 88 4.98 24.87 0.13
C PRO A 88 4.38 23.60 -0.44
N LEU A 89 5.19 22.55 -0.41
CA LEU A 89 4.85 21.25 -1.01
C LEU A 89 4.84 20.15 0.07
N ILE A 90 3.74 19.44 0.12
CA ILE A 90 3.52 18.33 1.07
C ILE A 90 3.29 17.10 0.23
N GLY A 91 3.94 16.00 0.56
CA GLY A 91 3.52 14.71 -0.04
C GLY A 91 2.41 14.05 0.80
N PHE A 92 1.63 13.20 0.17
CA PHE A 92 0.74 12.35 0.90
C PHE A 92 0.55 11.02 0.25
N ASP A 93 0.11 10.02 1.03
CA ASP A 93 0.12 8.63 0.51
C ASP A 93 1.57 8.31 0.02
N SER A 94 1.78 7.74 -1.17
CA SER A 94 3.14 7.48 -1.60
C SER A 94 3.92 8.77 -1.89
N GLY A 95 3.22 9.92 -2.00
CA GLY A 95 3.89 11.22 -2.07
C GLY A 95 4.72 11.37 -3.32
N ILE A 96 5.91 11.93 -3.17
CA ILE A 96 6.80 12.26 -4.29
C ILE A 96 7.97 11.29 -4.17
N LEU A 97 8.37 10.66 -5.25
CA LEU A 97 9.52 9.73 -5.15
C LEU A 97 10.72 10.50 -4.69
N PRO A 98 11.55 9.91 -3.79
CA PRO A 98 12.60 10.66 -3.19
C PRO A 98 13.60 11.27 -4.18
N ASP A 99 13.91 10.53 -5.23
CA ASP A 99 14.82 11.02 -6.24
C ASP A 99 14.24 12.09 -7.16
N GLN A 100 12.98 12.45 -6.95
CA GLN A 100 12.34 13.55 -7.68
C GLN A 100 12.13 14.78 -6.80
N ALA A 101 12.27 14.63 -5.49
CA ALA A 101 11.80 15.68 -4.61
C ALA A 101 12.61 16.97 -4.62
N GLN A 102 13.88 16.91 -4.99
CA GLN A 102 14.70 18.10 -5.15
C GLN A 102 14.73 19.05 -3.93
N GLY A 103 14.65 18.49 -2.71
CA GLY A 103 14.68 19.32 -1.53
C GLY A 103 13.45 20.13 -1.29
N ALA A 104 12.41 19.92 -2.07
CA ALA A 104 11.22 20.79 -2.02
C ALA A 104 10.07 20.24 -1.15
N VAL A 105 10.16 18.98 -0.75
CA VAL A 105 9.05 18.37 -0.04
C VAL A 105 9.27 18.61 1.47
N LEU A 106 8.38 19.39 2.08
CA LEU A 106 8.52 19.74 3.46
C LEU A 106 8.22 18.64 4.48
N ALA A 107 7.23 17.84 4.14
CA ALA A 107 6.68 16.80 4.98
C ALA A 107 5.73 15.97 4.14
N THR A 108 5.46 14.75 4.62
CA THR A 108 4.56 13.81 3.96
C THR A 108 3.69 13.18 5.03
N ALA A 109 2.41 13.01 4.70
CA ALA A 109 1.50 12.18 5.52
C ALA A 109 1.23 10.84 4.83
N SER A 110 1.58 9.72 5.46
CA SER A 110 1.44 8.43 4.82
C SER A 110 1.51 7.29 5.76
N THR A 111 1.10 6.13 5.27
CA THR A 111 1.33 4.88 5.95
C THR A 111 2.85 4.66 5.96
N ASP A 112 3.39 4.09 7.01
CA ASP A 112 4.76 3.55 6.94
C ASP A 112 4.72 2.11 6.33
N ASN A 113 5.02 2.02 5.06
CA ASN A 113 4.97 0.74 4.33
C ASN A 113 5.72 -0.40 5.00
N ARG A 114 6.93 -0.12 5.45
CA ARG A 114 7.76 -1.15 6.03
C ARG A 114 7.15 -1.71 7.33
N ALA A 115 6.61 -0.80 8.15
CA ALA A 115 5.94 -1.18 9.38
C ALA A 115 4.67 -1.93 9.15
N ALA A 116 3.90 -1.56 8.15
CA ALA A 116 2.65 -2.24 7.85
C ALA A 116 2.97 -3.67 7.39
N ALA A 117 3.98 -3.79 6.54
CA ALA A 117 4.38 -5.08 6.03
C ALA A 117 4.96 -6.00 7.10
N ALA A 118 5.61 -5.41 8.09
CA ALA A 118 6.09 -6.14 9.23
C ALA A 118 4.95 -6.73 10.02
N ILE A 119 3.78 -6.09 10.07
CA ILE A 119 2.62 -6.68 10.78
C ILE A 119 2.30 -8.00 10.06
N VAL A 120 2.31 -7.96 8.73
CA VAL A 120 1.95 -9.15 7.98
C VAL A 120 3.00 -10.23 8.27
N ALA A 121 4.29 -9.88 8.34
CA ALA A 121 5.33 -10.88 8.67
C ALA A 121 5.07 -11.47 10.03
N ASP A 122 4.70 -10.64 10.97
CA ASP A 122 4.43 -11.18 12.36
C ASP A 122 3.31 -12.24 12.32
N LYS A 123 2.23 -11.93 11.62
CA LYS A 123 1.10 -12.84 11.50
C LYS A 123 1.48 -14.09 10.71
N PHE A 125 4.47 -15.46 10.35
CA PHE A 125 5.43 -16.25 11.19
C PHE A 125 4.66 -17.01 12.23
N GLU A 126 3.71 -16.31 12.86
CA GLU A 126 2.83 -16.94 13.88
CA GLU A 126 2.84 -16.95 13.88
CA GLU A 126 2.91 -16.99 13.88
C GLU A 126 2.12 -18.16 13.28
N ALA A 127 1.62 -18.00 12.07
CA ALA A 127 0.81 -19.05 11.43
C ALA A 127 1.66 -20.19 10.99
N LEU A 128 2.90 -19.92 10.54
CA LEU A 128 3.72 -20.96 9.89
C LEU A 128 4.88 -21.57 10.70
N LYS A 129 5.18 -21.01 11.87
CA LYS A 129 6.41 -21.40 12.57
C LYS A 129 6.51 -22.90 12.93
N THR A 130 5.40 -23.52 13.32
CA THR A 130 5.46 -24.98 13.57
C THR A 130 5.65 -25.78 12.28
N ARG A 131 4.93 -25.33 11.24
CA ARG A 131 5.04 -25.92 9.90
C ARG A 131 6.43 -25.82 9.26
N ILE A 132 7.09 -24.68 9.43
CA ILE A 132 8.43 -24.48 8.92
C ILE A 132 9.44 -25.40 9.62
N ALA A 133 9.26 -25.64 10.91
CA ALA A 133 10.20 -26.45 11.68
C ALA A 133 10.35 -27.88 11.14
N ALA A 134 9.31 -28.39 10.48
CA ALA A 134 9.34 -29.65 9.72
C ALA A 134 10.23 -29.73 8.49
N PHE A 135 10.66 -28.60 7.96
CA PHE A 135 11.53 -28.58 6.79
C PHE A 135 12.99 -28.66 7.20
N THR A 136 13.86 -28.66 6.22
CA THR A 136 15.30 -28.81 6.49
C THR A 136 16.09 -27.87 5.65
N SER A 137 17.37 -27.76 5.99
CA SER A 137 18.25 -26.90 5.26
CA SER A 137 18.30 -26.91 5.26
C SER A 137 18.39 -27.30 3.78
N ASP A 138 18.32 -28.59 3.48
CA ASP A 138 18.42 -29.09 2.11
C ASP A 138 17.08 -29.04 1.34
N ASN A 139 15.96 -28.81 2.05
CA ASN A 139 14.61 -28.74 1.44
C ASN A 139 13.80 -27.70 2.27
N LYS A 140 14.01 -26.43 1.95
CA LYS A 140 13.53 -25.34 2.81
C LYS A 140 12.06 -25.07 2.54
N ALA A 141 11.32 -24.70 3.58
CA ALA A 141 9.97 -24.14 3.41
C ALA A 141 10.05 -22.84 2.64
N LYS A 142 9.12 -22.66 1.71
CA LYS A 142 9.10 -21.46 0.87
CA LYS A 142 9.12 -21.45 0.91
C LYS A 142 7.93 -20.54 1.20
N ILE A 143 8.22 -19.27 1.31
CA ILE A 143 7.21 -18.23 1.41
CA ILE A 143 7.22 -18.22 1.41
C ILE A 143 7.42 -17.22 0.26
N ALA A 144 6.40 -17.04 -0.55
CA ALA A 144 6.48 -16.15 -1.70
C ALA A 144 6.04 -14.76 -1.32
N VAL A 145 6.76 -13.77 -1.79
CA VAL A 145 6.41 -12.36 -1.59
C VAL A 145 6.12 -11.79 -2.98
N LEU A 146 4.88 -11.40 -3.27
CA LEU A 146 4.55 -10.80 -4.55
CA LEU A 146 4.57 -10.80 -4.55
C LEU A 146 4.68 -9.31 -4.33
N GLN A 147 5.79 -8.79 -4.83
CA GLN A 147 6.14 -7.39 -4.69
C GLN A 147 5.60 -6.62 -5.86
N LEU A 148 4.80 -5.58 -5.61
CA LEU A 148 3.97 -4.99 -6.72
C LEU A 148 4.77 -4.36 -7.84
N ASP A 149 5.91 -3.78 -7.52
CA ASP A 149 6.75 -3.08 -8.52
C ASP A 149 8.09 -2.75 -7.90
N ASN A 150 8.93 -2.10 -8.67
CA ASN A 150 10.26 -1.62 -8.20
C ASN A 150 10.33 -0.13 -7.85
N SER A 151 9.22 0.41 -7.44
CA SER A 151 9.06 1.79 -6.99
C SER A 151 9.38 1.76 -5.46
N ASP A 152 9.46 2.94 -4.87
CA ASP A 152 9.59 3.14 -3.43
CA ASP A 152 9.64 3.04 -3.42
C ASP A 152 8.54 2.35 -2.64
N THR A 153 7.30 2.40 -3.09
CA THR A 153 6.19 1.67 -2.45
C THR A 153 6.36 0.15 -2.51
N GLY A 154 6.68 -0.36 -3.66
CA GLY A 154 6.84 -1.83 -3.81
C GLY A 154 8.04 -2.29 -3.01
N ILE A 155 9.14 -1.54 -3.09
CA ILE A 155 10.36 -1.94 -2.36
C ILE A 155 10.09 -1.97 -0.84
N GLY A 156 9.47 -0.91 -0.33
CA GLY A 156 9.19 -0.87 1.06
C GLY A 156 8.16 -1.86 1.55
N ARG A 157 7.11 -2.11 0.77
CA ARG A 157 6.14 -3.13 1.20
C ARG A 157 6.73 -4.53 1.17
N ALA A 158 7.73 -4.79 0.34
CA ALA A 158 8.41 -6.09 0.31
C ALA A 158 9.47 -6.19 1.39
N GLU A 159 10.36 -5.21 1.44
CA GLU A 159 11.51 -5.17 2.38
CA GLU A 159 11.48 -5.30 2.37
C GLU A 159 11.01 -5.26 3.81
N GLY A 160 9.92 -4.53 4.10
CA GLY A 160 9.38 -4.52 5.49
C GLY A 160 9.03 -5.93 5.98
N PHE A 161 8.38 -6.70 5.12
CA PHE A 161 8.02 -8.08 5.37
C PHE A 161 9.30 -8.93 5.48
N VAL A 162 10.17 -8.85 4.46
CA VAL A 162 11.35 -9.69 4.45
C VAL A 162 12.19 -9.49 5.71
N LYS A 163 12.44 -8.22 6.08
CA LYS A 163 13.30 -7.86 7.23
CA LYS A 163 13.28 -7.87 7.22
C LYS A 163 12.68 -8.46 8.49
N ARG A 164 11.40 -8.23 8.70
CA ARG A 164 10.78 -8.70 9.94
CA ARG A 164 10.78 -8.69 9.94
C ARG A 164 10.70 -10.22 9.97
N PHE A 165 10.26 -10.84 8.90
CA PHE A 165 10.18 -12.33 8.83
C PHE A 165 11.53 -13.01 9.06
N THR A 166 12.58 -12.41 8.53
CA THR A 166 13.94 -12.95 8.68
C THR A 166 14.35 -12.82 10.12
N GLU A 167 14.06 -11.69 10.75
CA GLU A 167 14.40 -11.47 12.15
CA GLU A 167 14.40 -11.50 12.17
C GLU A 167 13.71 -12.54 13.02
N LEU A 168 12.42 -12.75 12.79
CA LEU A 168 11.70 -13.69 13.64
C LEU A 168 12.18 -15.14 13.40
N ALA A 169 12.28 -15.52 12.13
CA ALA A 169 12.57 -16.88 11.74
C ALA A 169 14.07 -17.21 12.05
N ASP A 170 14.96 -16.24 11.97
CA ASP A 170 16.38 -16.55 12.34
C ASP A 170 16.52 -16.58 13.84
N GLY A 171 15.66 -15.84 14.51
CA GLY A 171 15.74 -15.69 15.97
C GLY A 171 15.28 -16.94 16.72
N ASP A 172 14.45 -17.71 16.05
CA ASP A 172 13.87 -18.92 16.62
C ASP A 172 14.71 -20.04 16.09
N ALA A 173 15.45 -20.74 16.95
CA ALA A 173 16.33 -21.82 16.48
C ALA A 173 15.53 -22.98 15.81
N ALA A 174 14.23 -23.12 16.09
CA ALA A 174 13.49 -24.22 15.48
C ALA A 174 13.21 -23.95 14.00
N THR A 175 13.25 -22.69 13.60
CA THR A 175 12.99 -22.28 12.21
C THR A 175 14.21 -21.87 11.42
N ALA A 176 15.26 -21.46 12.12
CA ALA A 176 16.42 -20.85 11.43
C ALA A 176 17.03 -21.85 10.46
N GLY A 177 17.38 -21.36 9.28
CA GLY A 177 17.94 -22.24 8.28
C GLY A 177 16.98 -23.11 7.47
N LYS A 178 15.68 -23.09 7.80
CA LYS A 178 14.74 -24.02 7.19
C LYS A 178 13.78 -23.34 6.26
N TYR A 179 14.01 -22.08 5.92
CA TYR A 179 13.04 -21.33 5.16
C TYR A 179 13.74 -20.54 4.10
N ALA A 180 13.01 -20.22 3.04
CA ALA A 180 13.48 -19.26 2.01
C ALA A 180 12.35 -18.36 1.55
N LEU A 181 12.62 -17.07 1.45
CA LEU A 181 11.64 -16.12 1.01
C LEU A 181 11.91 -15.94 -0.51
N GLN A 182 10.87 -16.03 -1.31
CA GLN A 182 10.98 -15.90 -2.75
C GLN A 182 10.30 -14.59 -3.14
N VAL A 183 11.09 -13.59 -3.50
CA VAL A 183 10.57 -12.26 -3.78
C VAL A 183 10.35 -12.21 -5.31
N ILE A 184 9.11 -12.03 -5.72
CA ILE A 184 8.72 -12.09 -7.14
C ILE A 184 8.05 -10.77 -7.49
N VAL A 185 8.51 -10.12 -8.56
CA VAL A 185 7.88 -8.90 -9.06
C VAL A 185 7.28 -9.24 -10.43
N PRO A 186 5.96 -9.11 -10.57
CA PRO A 186 5.42 -9.37 -11.90
C PRO A 186 5.85 -8.28 -12.87
N THR A 187 5.87 -8.59 -14.16
CA THR A 187 6.42 -7.64 -15.14
C THR A 187 5.57 -6.39 -15.26
N THR A 188 4.28 -6.52 -14.98
CA THR A 188 3.39 -5.38 -14.77
C THR A 188 2.38 -5.72 -13.67
N GLN A 189 1.55 -4.76 -13.29
CA GLN A 189 0.48 -5.04 -12.32
C GLN A 189 -0.82 -5.45 -13.02
N ASN A 190 -0.73 -5.83 -14.30
CA ASN A 190 -1.92 -6.31 -15.02
C ASN A 190 -2.19 -7.75 -14.67
N GLU A 191 -3.44 -8.13 -14.95
CA GLU A 191 -4.01 -9.44 -14.55
C GLU A 191 -3.25 -10.66 -14.98
N ALA A 192 -2.92 -10.76 -16.27
CA ALA A 192 -2.24 -11.94 -16.72
C ALA A 192 -0.86 -12.02 -16.13
N ASP A 193 -0.18 -10.88 -15.99
CA ASP A 193 1.19 -10.94 -15.55
C ASP A 193 1.26 -11.46 -14.10
N ILE A 194 0.30 -11.04 -13.29
CA ILE A 194 0.27 -11.46 -11.90
C ILE A 194 -0.21 -12.91 -11.83
N ALA A 195 -1.28 -13.25 -12.56
CA ALA A 195 -1.77 -14.62 -12.55
C ALA A 195 -0.71 -15.61 -13.03
N ASN A 196 0.08 -15.23 -14.03
CA ASN A 196 1.07 -16.14 -14.52
C ASN A 196 2.17 -16.40 -13.48
N GLU A 197 2.48 -15.40 -12.67
CA GLU A 197 3.45 -15.62 -11.57
C GLU A 197 2.83 -16.50 -10.50
N VAL A 198 1.56 -16.31 -10.22
CA VAL A 198 0.88 -17.14 -9.16
C VAL A 198 0.74 -18.60 -9.62
N ASN A 199 0.58 -18.81 -10.92
CA ASN A 199 0.65 -20.21 -11.48
C ASN A 199 1.82 -21.05 -11.00
N ALA A 200 3.05 -20.49 -10.90
CA ALA A 200 4.22 -21.27 -10.46
C ALA A 200 4.16 -21.61 -9.02
N LEU A 201 3.24 -20.98 -8.29
CA LEU A 201 3.15 -21.24 -6.86
C LEU A 201 2.15 -22.36 -6.55
N ARG A 202 1.46 -22.87 -7.57
CA ARG A 202 0.51 -23.97 -7.39
C ARG A 202 1.23 -25.31 -7.17
N GLY A 203 0.51 -26.27 -6.66
CA GLY A 203 1.02 -27.62 -6.66
C GLY A 203 1.98 -27.92 -5.58
N LYS A 204 1.63 -27.60 -4.35
CA LYS A 204 2.50 -27.91 -3.18
C LYS A 204 3.91 -27.34 -3.36
N SER A 205 3.96 -26.05 -3.68
CA SER A 205 5.21 -25.34 -3.91
C SER A 205 5.67 -24.45 -2.78
N VAL A 206 4.73 -23.82 -2.09
CA VAL A 206 5.01 -22.83 -1.03
C VAL A 206 4.11 -23.05 0.13
N LEU A 207 4.48 -22.52 1.29
CA LEU A 207 3.59 -22.58 2.46
C LEU A 207 2.74 -21.34 2.59
N GLY A 208 3.28 -20.21 2.14
CA GLY A 208 2.54 -18.93 2.34
C GLY A 208 2.82 -18.02 1.18
N ILE A 209 1.95 -17.05 1.02
CA ILE A 209 2.07 -16.05 0.00
C ILE A 209 1.65 -14.72 0.57
N TYR A 210 2.55 -13.75 0.47
CA TYR A 210 2.26 -12.35 0.90
C TYR A 210 1.99 -11.52 -0.38
N LEU A 211 0.78 -10.93 -0.42
CA LEU A 211 0.29 -10.08 -1.49
C LEU A 211 0.45 -8.61 -1.13
N SER A 212 1.42 -7.91 -1.72
CA SER A 212 1.80 -6.55 -1.32
C SER A 212 0.80 -5.46 -1.67
N ASN A 213 -0.20 -5.72 -2.50
CA ASN A 213 -1.21 -4.72 -2.78
C ASN A 213 -2.47 -5.36 -3.32
N GLU A 214 -3.48 -4.53 -3.56
CA GLU A 214 -4.73 -5.02 -4.08
C GLU A 214 -4.63 -5.71 -5.47
N ALA A 215 -3.78 -5.17 -6.35
CA ALA A 215 -3.59 -5.75 -7.66
C ALA A 215 -3.01 -7.13 -7.51
N ALA A 217 -3.50 -9.14 -4.99
CA ALA A 217 -4.61 -9.98 -4.51
C ALA A 217 -5.56 -10.35 -5.65
N ARG A 218 -5.89 -9.38 -6.50
CA ARG A 218 -6.75 -9.72 -7.68
C ARG A 218 -6.13 -10.78 -8.56
N GLY A 219 -4.86 -10.66 -8.92
CA GLY A 219 -4.17 -11.63 -9.71
C GLY A 219 -4.12 -12.98 -9.06
N PHE A 220 -3.89 -12.98 -7.74
CA PHE A 220 -3.93 -14.24 -7.01
C PHE A 220 -5.30 -14.95 -7.12
N LEU A 221 -6.36 -14.13 -7.08
CA LEU A 221 -7.71 -14.63 -7.11
C LEU A 221 -8.20 -15.09 -8.48
N VAL A 222 -7.43 -14.79 -9.52
CA VAL A 222 -7.62 -15.43 -10.84
C VAL A 222 -7.34 -16.92 -10.73
N VAL A 223 -6.37 -17.29 -9.88
CA VAL A 223 -5.85 -18.67 -9.83
C VAL A 223 -6.44 -19.49 -8.68
N TYR A 224 -6.56 -18.84 -7.53
CA TYR A 224 -7.11 -19.50 -6.31
C TYR A 224 -8.50 -18.95 -6.00
N LYS A 225 -9.48 -19.82 -5.92
CA LYS A 225 -10.85 -19.40 -5.94
C LYS A 225 -11.69 -20.04 -4.87
N SER A 226 -11.10 -20.91 -4.06
CA SER A 226 -11.88 -21.60 -3.04
C SER A 226 -11.02 -21.88 -1.83
N ALA A 227 -11.67 -22.02 -0.66
CA ALA A 227 -11.02 -22.53 0.55
C ALA A 227 -11.79 -23.75 1.10
N GLU A 228 -12.38 -24.48 0.18
CA GLU A 228 -13.01 -25.78 0.45
C GLU A 228 -12.20 -26.98 0.05
N ALA A 229 -12.15 -28.00 0.91
CA ALA A 229 -11.46 -29.21 0.56
C ALA A 229 -12.09 -29.87 -0.63
N GLY A 230 -11.24 -30.28 -1.57
CA GLY A 230 -11.67 -31.02 -2.77
C GLY A 230 -12.20 -30.13 -3.87
N ALA A 231 -12.34 -28.84 -3.61
CA ALA A 231 -12.91 -27.93 -4.63
C ALA A 231 -11.89 -27.51 -5.68
N ALA A 232 -12.38 -27.13 -6.86
CA ALA A 232 -11.50 -26.66 -7.92
C ALA A 232 -10.75 -25.44 -7.43
N ASN A 233 -9.45 -25.36 -7.76
CA ASN A 233 -8.70 -24.14 -7.52
CA ASN A 233 -8.71 -24.12 -7.53
C ASN A 233 -8.70 -23.72 -6.06
N THR A 234 -8.61 -24.70 -5.18
CA THR A 234 -8.63 -24.45 -3.73
C THR A 234 -7.24 -24.27 -3.09
N ILE A 235 -7.22 -23.48 -2.03
CA ILE A 235 -6.00 -23.38 -1.19
C ILE A 235 -5.82 -24.59 -0.28
N VAL A 236 -6.86 -25.42 -0.17
CA VAL A 236 -6.87 -26.51 0.80
C VAL A 236 -6.03 -27.65 0.27
N GLY A 237 -5.03 -28.05 1.04
CA GLY A 237 -4.16 -29.13 0.68
C GLY A 237 -3.11 -28.77 -0.35
N ASP A 238 -2.99 -27.49 -0.71
CA ASP A 238 -2.08 -27.10 -1.81
C ASP A 238 -0.79 -26.48 -1.36
N ALA A 239 -0.53 -26.47 -0.07
CA ALA A 239 0.74 -26.00 0.45
C ALA A 239 1.82 -27.04 0.30
N GLN A 240 3.06 -26.58 0.39
CA GLN A 240 4.23 -27.37 0.22
C GLN A 240 4.30 -28.64 1.10
N ASP A 241 3.75 -28.55 2.31
CA ASP A 241 3.63 -29.65 3.26
C ASP A 241 2.29 -30.42 3.17
N GLY A 242 1.52 -30.19 2.11
CA GLY A 242 0.14 -30.71 2.00
C GLY A 242 -0.94 -30.15 2.88
N GLY A 243 -0.60 -29.15 3.68
CA GLY A 243 -1.62 -28.37 4.40
C GLY A 243 -2.18 -27.29 3.51
N ASP A 244 -2.77 -26.30 4.15
CA ASP A 244 -3.43 -25.20 3.44
C ASP A 244 -2.48 -24.02 3.27
N LEU A 245 -2.58 -23.35 2.12
CA LEU A 245 -1.81 -22.15 1.90
C LEU A 245 -2.24 -21.05 2.85
N VAL A 246 -1.27 -20.36 3.39
CA VAL A 246 -1.47 -19.16 4.23
C VAL A 246 -1.19 -17.93 3.40
N VAL A 247 -2.24 -17.23 3.06
CA VAL A 247 -2.16 -16.09 2.16
C VAL A 247 -2.60 -14.83 2.90
N GLY A 249 -2.62 -10.28 2.71
CA GLY A 249 -2.53 -9.15 1.81
C GLY A 249 -2.36 -7.79 2.44
N PHE A 250 -2.70 -6.82 1.64
CA PHE A 250 -2.48 -5.40 1.93
C PHE A 250 -3.59 -4.61 1.21
N ASP A 251 -4.09 -3.57 1.87
CA ASP A 251 -5.20 -2.77 1.40
C ASP A 251 -6.50 -3.59 1.35
N SER A 252 -7.50 -3.23 0.53
CA SER A 252 -8.80 -3.94 0.56
C SER A 252 -9.37 -4.01 -0.85
N GLY A 253 -10.50 -3.37 -1.13
CA GLY A 253 -11.23 -3.66 -2.35
C GLY A 253 -12.10 -4.87 -2.26
N LYS A 254 -13.22 -4.88 -2.99
CA LYS A 254 -14.19 -5.95 -2.82
CA LYS A 254 -14.20 -5.95 -2.81
C LYS A 254 -13.66 -7.36 -3.02
N PRO A 255 -12.87 -7.60 -4.12
CA PRO A 255 -12.43 -9.00 -4.27
C PRO A 255 -11.62 -9.53 -3.07
N GLN A 256 -10.72 -8.69 -2.57
CA GLN A 256 -9.95 -9.03 -1.39
C GLN A 256 -10.81 -9.23 -0.16
N LEU A 257 -11.79 -8.35 0.06
CA LEU A 257 -12.67 -8.46 1.24
C LEU A 257 -13.43 -9.74 1.16
N ASP A 258 -14.01 -10.04 -0.01
CA ASP A 258 -14.75 -11.30 -0.13
C ASP A 258 -13.84 -12.52 0.09
N ALA A 259 -12.59 -12.46 -0.42
CA ALA A 259 -11.63 -13.58 -0.21
C ALA A 259 -11.36 -13.78 1.27
N ILE A 260 -11.24 -12.68 2.01
CA ILE A 260 -11.07 -12.81 3.51
C ILE A 260 -12.35 -13.41 4.13
N ARG A 261 -13.54 -12.92 3.73
CA ARG A 261 -14.78 -13.52 4.25
C ARG A 261 -14.94 -15.01 3.93
N ASN A 262 -14.48 -15.44 2.76
CA ASN A 262 -14.58 -16.81 2.28
C ASN A 262 -13.42 -17.70 2.72
N GLY A 263 -12.43 -17.16 3.46
CA GLY A 263 -11.35 -17.95 3.99
C GLY A 263 -10.17 -18.28 3.08
N ILE A 264 -10.15 -17.67 1.88
CA ILE A 264 -9.06 -17.82 0.94
C ILE A 264 -7.81 -17.00 1.38
N ILE A 265 -8.06 -15.82 1.93
CA ILE A 265 -6.99 -14.94 2.41
C ILE A 265 -7.22 -14.85 3.91
N GLN A 266 -6.17 -15.10 4.70
CA GLN A 266 -6.32 -15.16 6.16
CA GLN A 266 -6.30 -15.18 6.17
C GLN A 266 -6.52 -13.79 6.76
N GLY A 267 -5.96 -12.76 6.15
CA GLY A 267 -6.04 -11.42 6.72
C GLY A 267 -5.18 -10.52 5.88
N SER A 268 -5.31 -9.24 6.12
CA SER A 268 -4.53 -8.21 5.44
C SER A 268 -4.34 -7.02 6.31
N VAL A 269 -3.44 -6.13 5.90
CA VAL A 269 -3.32 -4.84 6.62
C VAL A 269 -3.97 -3.74 5.84
N THR A 270 -4.64 -2.84 6.55
CA THR A 270 -5.31 -1.69 5.90
C THR A 270 -4.66 -0.42 6.33
N GLN A 271 -4.63 0.52 5.42
CA GLN A 271 -4.25 1.88 5.75
C GLN A 271 -5.42 2.66 6.34
N ASP A 272 -5.22 3.95 6.63
CA ASP A 272 -6.28 4.84 7.21
C ASP A 272 -6.46 6.02 6.24
N PRO A 273 -7.18 5.78 5.13
CA PRO A 273 -7.28 6.80 4.08
C PRO A 273 -7.86 8.13 4.56
N TYR A 274 -8.85 8.12 5.45
CA TYR A 274 -9.35 9.37 5.95
C TYR A 274 -8.28 10.23 6.61
N SER A 275 -7.50 9.60 7.47
CA SER A 275 -6.40 10.28 8.14
CA SER A 275 -6.41 10.28 8.14
C SER A 275 -5.34 10.76 7.19
N ILE A 276 -5.05 9.98 6.16
CA ILE A 276 -4.10 10.40 5.13
C ILE A 276 -4.58 11.71 4.54
N GLY A 277 -5.81 11.79 4.17
CA GLY A 277 -6.31 13.04 3.59
C GLY A 277 -6.40 14.17 4.58
N PHE A 278 -6.86 13.89 5.79
CA PHE A 278 -7.01 14.93 6.79
C PHE A 278 -5.63 15.53 7.13
N GLN A 279 -4.67 14.64 7.33
CA GLN A 279 -3.30 15.06 7.73
C GLN A 279 -2.57 15.76 6.61
N ALA A 280 -2.80 15.35 5.37
CA ALA A 280 -2.23 16.04 4.19
C ALA A 280 -2.64 17.50 4.18
N VAL A 281 -3.94 17.78 4.30
CA VAL A 281 -4.41 19.15 4.26
C VAL A 281 -3.92 19.88 5.49
N THR A 282 -3.96 19.25 6.67
CA THR A 282 -3.42 19.89 7.85
C THR A 282 -1.98 20.35 7.69
N LEU A 283 -1.12 19.48 7.22
CA LEU A 283 0.28 19.81 6.98
C LEU A 283 0.35 20.97 5.99
N ALA A 284 -0.44 20.90 4.94
CA ALA A 284 -0.35 21.92 3.91
C ALA A 284 -0.78 23.29 4.40
N TYR A 285 -1.83 23.30 5.18
CA TYR A 285 -2.32 24.48 5.82
C TYR A 285 -1.27 25.06 6.72
N LYS A 286 -0.71 24.24 7.60
CA LYS A 286 0.33 24.75 8.55
C LYS A 286 1.52 25.29 7.81
N ALA A 287 1.95 24.58 6.76
CA ALA A 287 3.10 25.03 5.94
C ALA A 287 2.75 26.33 5.24
N SER A 288 1.47 26.54 4.86
CA SER A 288 1.05 27.77 4.22
C SER A 288 1.14 28.97 5.15
N LYS A 289 1.05 28.71 6.44
CA LYS A 289 1.15 29.76 7.46
C LYS A 289 2.58 30.01 7.92
N GLY A 290 3.52 29.29 7.35
CA GLY A 290 4.93 29.36 7.69
C GLY A 290 5.24 28.59 8.98
N GLU A 291 4.32 27.74 9.41
CA GLU A 291 4.60 26.92 10.60
C GLU A 291 5.48 25.70 10.25
N SER A 292 6.31 25.29 11.19
CA SER A 292 7.14 24.13 10.98
CA SER A 292 7.14 24.14 10.99
C SER A 292 6.28 22.88 10.91
N VAL A 293 6.64 21.99 9.97
CA VAL A 293 5.94 20.73 9.83
C VAL A 293 6.90 19.55 9.79
N SER A 294 6.36 18.37 10.09
CA SER A 294 7.13 17.13 10.10
C SER A 294 6.31 16.00 9.53
N ASN A 295 7.02 14.98 9.02
CA ASN A 295 6.33 13.79 8.51
C ASN A 295 5.36 13.23 9.52
N ILE A 296 4.23 12.74 9.01
CA ILE A 296 3.22 12.13 9.84
C ILE A 296 3.00 10.70 9.40
N ASP A 297 3.03 9.77 10.36
CA ASP A 297 2.79 8.35 10.09
C ASP A 297 1.35 8.08 10.42
N THR A 298 0.53 7.72 9.44
CA THR A 298 -0.87 7.45 9.68
C THR A 298 -1.15 5.97 10.03
N GLY A 299 -0.14 5.12 9.94
CA GLY A 299 -0.26 3.76 10.44
C GLY A 299 -1.03 2.76 9.63
N ALA A 300 -1.18 1.56 10.16
CA ALA A 300 -1.86 0.50 9.48
C ALA A 300 -2.38 -0.48 10.51
N LYS A 301 -3.43 -1.21 10.16
CA LYS A 301 -4.09 -2.11 11.10
C LYS A 301 -4.37 -3.45 10.41
N TRP A 302 -4.16 -4.52 11.17
CA TRP A 302 -4.53 -5.86 10.70
C TRP A 302 -6.03 -6.00 10.72
N TYR A 303 -6.57 -6.64 9.71
CA TYR A 303 -7.98 -7.01 9.66
C TYR A 303 -8.12 -8.45 9.12
N ASP A 304 -9.17 -9.11 9.60
CA ASP A 304 -9.40 -10.49 9.29
C ASP A 304 -10.88 -10.77 9.53
N LYS A 305 -11.26 -12.03 9.49
CA LYS A 305 -12.68 -12.38 9.61
C LYS A 305 -13.25 -11.95 10.93
N THR A 306 -12.41 -11.93 11.94
CA THR A 306 -12.87 -11.59 13.28
CA THR A 306 -12.86 -11.60 13.28
C THR A 306 -13.24 -10.13 13.45
N ASN A 307 -12.57 -9.21 12.76
CA ASN A 307 -12.84 -7.79 13.01
C ASN A 307 -13.27 -7.00 11.79
N ILE A 308 -13.43 -7.70 10.66
CA ILE A 308 -13.79 -6.99 9.42
C ILE A 308 -15.09 -6.15 9.50
N ASP A 309 -16.05 -6.57 10.34
CA ASP A 309 -17.28 -5.80 10.49
C ASP A 309 -17.29 -4.89 11.70
N ASP A 310 -16.20 -4.84 12.45
CA ASP A 310 -16.15 -3.85 13.52
C ASP A 310 -16.22 -2.45 12.91
N PRO A 311 -17.08 -1.57 13.45
CA PRO A 311 -17.24 -0.28 12.78
C PRO A 311 -15.94 0.49 12.60
N GLU A 312 -15.02 0.41 13.54
CA GLU A 312 -13.79 1.21 13.44
C GLU A 312 -12.81 0.65 12.40
N ILE A 313 -13.02 -0.60 12.01
CA ILE A 313 -12.20 -1.24 10.99
C ILE A 313 -12.90 -1.03 9.64
N ALA A 314 -14.20 -1.33 9.59
CA ALA A 314 -14.96 -1.18 8.38
C ALA A 314 -14.84 0.15 7.71
N LYS A 315 -14.77 1.22 8.50
CA LYS A 315 -14.64 2.54 7.96
C LYS A 315 -13.32 2.80 7.22
N LEU A 316 -12.27 1.99 7.46
CA LEU A 316 -10.98 2.12 6.76
C LEU A 316 -10.97 1.37 5.42
N LEU A 317 -11.91 0.45 5.27
CA LEU A 317 -11.94 -0.44 4.05
C LEU A 317 -12.73 0.20 2.93
N TYR A 318 -12.51 -0.30 1.73
CA TYR A 318 -13.25 0.23 0.56
C TYR A 318 -13.56 -0.94 -0.38
N GLU A 319 -14.63 -0.79 -1.17
CA GLU A 319 -15.02 -1.76 -2.20
C GLU A 319 -14.27 -1.56 -3.49
#